data_1VIC
#
_entry.id   1VIC
#
_cell.length_a   86.973
_cell.length_b   131.921
_cell.length_c   43.109
_cell.angle_alpha   90.00
_cell.angle_beta   90.00
_cell.angle_gamma   90.00
#
_symmetry.space_group_name_H-M   'P 21 21 2'
#
loop_
_entity.id
_entity.type
_entity.pdbx_description
1 polymer '3-deoxy-manno-octulosonate cytidylyltransferase'
2 water water
#
_entity_poly.entity_id   1
_entity_poly.type   'polypeptide(L)'
_entity_poly.pdbx_seq_one_letter_code
;MSFTVIIPARFASSRLPGKPLADIKGKPMIQHVFEKALQSGASRVIIATDNENVADVAKSFGAEVCMTSVNHNSGTERLA
EVVEKLAIPDNEIIVNIQGDEPLIPPVIVRQVADNLAKFNVNMASLAVKIHDAEELFNPNAVKVLTDKDGYVLYFSRSVI
PYDRDQFMNLQDVQKVQLSDAYLRHIGIYAYRAGFIKQYVQWAPTQLENLEKLEQLRVLYNGERIHVELAKEVPAVGVDT
AEDLEKVRAILAANGSHHHHHH
;
_entity_poly.pdbx_strand_id   A,B
#
# COMPACT_ATOMS: atom_id res chain seq x y z
N SER A 2 -26.99 13.22 9.42
CA SER A 2 -26.65 14.55 8.84
C SER A 2 -25.13 14.75 8.84
N PHE A 3 -24.67 15.79 8.17
CA PHE A 3 -23.24 16.08 8.10
C PHE A 3 -22.98 17.54 7.82
N THR A 4 -21.74 17.96 8.06
CA THR A 4 -21.33 19.35 7.85
C THR A 4 -20.28 19.43 6.76
N VAL A 5 -20.37 20.47 5.94
CA VAL A 5 -19.39 20.68 4.87
C VAL A 5 -18.58 21.92 5.22
N ILE A 6 -17.26 21.83 5.07
CA ILE A 6 -16.39 22.96 5.31
C ILE A 6 -15.69 23.21 3.97
N ILE A 7 -15.77 24.44 3.49
CA ILE A 7 -15.19 24.81 2.21
C ILE A 7 -14.03 25.79 2.33
N PRO A 8 -12.78 25.31 2.13
CA PRO A 8 -11.64 26.22 2.22
C PRO A 8 -11.75 27.20 1.04
N ALA A 9 -11.72 28.50 1.32
CA ALA A 9 -11.86 29.52 0.28
C ALA A 9 -10.86 29.39 -0.87
N ARG A 10 -9.57 29.26 -0.53
CA ARG A 10 -8.53 29.14 -1.53
C ARG A 10 -8.31 30.46 -2.26
N PHE A 11 -8.19 31.55 -1.50
CA PHE A 11 -7.98 32.87 -2.09
C PHE A 11 -6.62 32.95 -2.76
N ALA A 12 -5.61 32.39 -2.10
CA ALA A 12 -4.26 32.39 -2.64
C ALA A 12 -4.14 31.52 -3.89
N SER A 13 -3.54 32.10 -4.93
CA SER A 13 -3.34 31.39 -6.18
C SER A 13 -2.33 32.15 -7.02
N SER A 14 -1.40 31.42 -7.63
CA SER A 14 -0.37 32.02 -8.45
C SER A 14 -0.92 32.48 -9.80
N ARG A 15 -1.47 31.55 -10.57
CA ARG A 15 -2.00 31.89 -11.89
C ARG A 15 -3.42 32.44 -11.93
N LEU A 16 -4.13 32.40 -10.82
CA LEU A 16 -5.49 32.93 -10.76
C LEU A 16 -5.79 33.48 -9.38
N PRO A 17 -5.05 34.53 -8.96
CA PRO A 17 -5.23 35.15 -7.65
C PRO A 17 -6.64 35.70 -7.42
N GLY A 18 -7.13 35.52 -6.20
CA GLY A 18 -8.46 36.00 -5.86
C GLY A 18 -9.57 35.24 -6.57
N LYS A 19 -9.26 34.03 -7.00
CA LYS A 19 -10.22 33.20 -7.72
C LYS A 19 -11.54 32.90 -6.99
N PRO A 20 -11.54 32.89 -5.64
CA PRO A 20 -12.79 32.61 -4.94
C PRO A 20 -13.90 33.60 -5.31
N LEU A 21 -13.49 34.80 -5.70
CA LEU A 21 -14.44 35.84 -6.07
C LEU A 21 -14.60 36.04 -7.57
N ALA A 22 -13.99 35.16 -8.36
CA ALA A 22 -14.10 35.24 -9.81
C ALA A 22 -15.59 35.10 -10.15
N ASP A 23 -16.10 35.99 -10.98
CA ASP A 23 -17.51 35.91 -11.34
C ASP A 23 -17.82 34.82 -12.35
N ILE A 24 -18.83 34.02 -12.03
CA ILE A 24 -19.26 32.94 -12.91
C ILE A 24 -20.76 33.06 -13.08
N LYS A 25 -21.16 33.69 -14.17
CA LYS A 25 -22.56 33.89 -14.49
C LYS A 25 -23.32 34.64 -13.40
N GLY A 26 -22.70 35.67 -12.85
CA GLY A 26 -23.37 36.47 -11.84
C GLY A 26 -23.18 36.11 -10.37
N LYS A 27 -22.37 35.08 -10.11
CA LYS A 27 -22.12 34.67 -8.72
C LYS A 27 -20.64 34.32 -8.59
N PRO A 28 -20.02 34.65 -7.44
CA PRO A 28 -18.60 34.34 -7.25
C PRO A 28 -18.43 32.82 -7.25
N MET A 29 -17.31 32.33 -7.76
CA MET A 29 -17.05 30.90 -7.79
C MET A 29 -17.32 30.24 -6.43
N ILE A 30 -16.91 30.89 -5.35
CA ILE A 30 -17.13 30.32 -4.02
C ILE A 30 -18.61 30.09 -3.74
N GLN A 31 -19.48 30.96 -4.25
CA GLN A 31 -20.92 30.80 -4.05
C GLN A 31 -21.43 29.56 -4.78
N HIS A 32 -20.85 29.25 -5.93
CA HIS A 32 -21.27 28.05 -6.67
C HIS A 32 -20.96 26.80 -5.83
N VAL A 33 -19.76 26.76 -5.24
CA VAL A 33 -19.36 25.62 -4.44
C VAL A 33 -20.30 25.49 -3.23
N PHE A 34 -20.59 26.62 -2.62
CA PHE A 34 -21.49 26.69 -1.46
C PHE A 34 -22.86 26.12 -1.83
N GLU A 35 -23.40 26.52 -2.98
CA GLU A 35 -24.70 26.02 -3.39
C GLU A 35 -24.68 24.52 -3.71
N LYS A 36 -23.58 24.01 -4.25
CA LYS A 36 -23.48 22.58 -4.54
C LYS A 36 -23.50 21.83 -3.21
N ALA A 37 -22.82 22.38 -2.21
CA ALA A 37 -22.75 21.79 -0.88
C ALA A 37 -24.17 21.70 -0.29
N LEU A 38 -24.95 22.75 -0.45
CA LEU A 38 -26.31 22.73 0.08
C LEU A 38 -27.13 21.64 -0.64
N GLN A 39 -26.86 21.44 -1.92
CA GLN A 39 -27.58 20.43 -2.71
C GLN A 39 -27.19 18.97 -2.42
N SER A 40 -26.12 18.78 -1.64
CA SER A 40 -25.68 17.43 -1.28
C SER A 40 -26.46 16.88 -0.09
N GLY A 41 -27.23 17.77 0.56
CA GLY A 41 -28.00 17.34 1.72
C GLY A 41 -27.33 17.66 3.04
N ALA A 42 -26.34 18.54 3.01
CA ALA A 42 -25.60 18.95 4.21
C ALA A 42 -26.50 19.75 5.16
N SER A 43 -26.37 19.50 6.46
CA SER A 43 -27.16 20.22 7.45
C SER A 43 -26.47 21.52 7.85
N ARG A 44 -25.23 21.69 7.42
CA ARG A 44 -24.47 22.89 7.72
C ARG A 44 -23.34 23.07 6.71
N VAL A 45 -23.15 24.29 6.23
CA VAL A 45 -22.09 24.55 5.26
C VAL A 45 -21.29 25.76 5.73
N ILE A 46 -20.01 25.56 5.97
CA ILE A 46 -19.14 26.62 6.45
C ILE A 46 -18.05 26.97 5.45
N ILE A 47 -17.88 28.26 5.22
CA ILE A 47 -16.82 28.70 4.33
C ILE A 47 -15.70 29.15 5.27
N ALA A 48 -14.51 28.59 5.10
CA ALA A 48 -13.37 28.92 5.93
C ALA A 48 -12.37 29.75 5.13
N THR A 49 -11.94 30.87 5.69
CA THR A 49 -11.00 31.73 4.98
C THR A 49 -10.22 32.63 5.92
N ASP A 50 -9.09 33.13 5.46
CA ASP A 50 -8.27 34.03 6.25
C ASP A 50 -8.34 35.41 5.58
N ASN A 51 -9.22 35.54 4.59
CA ASN A 51 -9.38 36.79 3.83
C ASN A 51 -10.68 37.52 4.16
N GLU A 52 -10.56 38.75 4.67
CA GLU A 52 -11.72 39.56 5.04
C GLU A 52 -12.68 39.83 3.90
N ASN A 53 -12.14 40.12 2.72
CA ASN A 53 -13.00 40.42 1.58
C ASN A 53 -13.86 39.21 1.21
N VAL A 54 -13.27 38.02 1.25
CA VAL A 54 -14.01 36.79 0.94
C VAL A 54 -15.08 36.55 1.99
N ALA A 55 -14.73 36.76 3.26
CA ALA A 55 -15.67 36.57 4.37
C ALA A 55 -16.90 37.45 4.18
N ASP A 56 -16.66 38.71 3.83
CA ASP A 56 -17.74 39.68 3.61
C ASP A 56 -18.66 39.22 2.47
N VAL A 57 -18.08 38.78 1.36
CA VAL A 57 -18.87 38.33 0.23
C VAL A 57 -19.68 37.08 0.58
N ALA A 58 -19.07 36.14 1.29
CA ALA A 58 -19.75 34.91 1.68
C ALA A 58 -20.94 35.22 2.59
N LYS A 59 -20.75 36.08 3.57
CA LYS A 59 -21.83 36.45 4.46
C LYS A 59 -22.97 37.10 3.68
N SER A 60 -22.63 37.79 2.60
CA SER A 60 -23.62 38.48 1.78
C SER A 60 -24.54 37.50 1.05
N PHE A 61 -24.08 36.27 0.80
CA PHE A 61 -24.99 35.33 0.17
C PHE A 61 -25.50 34.31 1.18
N GLY A 62 -25.46 34.72 2.46
CA GLY A 62 -25.96 33.91 3.56
C GLY A 62 -25.15 32.75 4.11
N ALA A 63 -23.85 32.72 3.81
CA ALA A 63 -23.02 31.62 4.29
C ALA A 63 -22.40 31.83 5.67
N GLU A 64 -22.32 30.77 6.45
CA GLU A 64 -21.69 30.84 7.75
C GLU A 64 -20.21 30.87 7.40
N VAL A 65 -19.46 31.75 8.05
CA VAL A 65 -18.03 31.88 7.78
C VAL A 65 -17.19 31.71 9.03
N CYS A 66 -16.07 31.01 8.90
CA CYS A 66 -15.17 30.84 10.02
C CYS A 66 -13.81 31.33 9.55
N MET A 67 -13.29 32.35 10.22
CA MET A 67 -11.99 32.91 9.85
C MET A 67 -10.90 31.97 10.37
N THR A 68 -9.94 31.66 9.51
CA THR A 68 -8.85 30.79 9.87
C THR A 68 -7.58 31.63 10.00
N SER A 69 -6.68 31.22 10.89
CA SER A 69 -5.45 31.94 11.11
C SER A 69 -4.54 31.94 9.89
N VAL A 70 -3.78 33.02 9.75
CA VAL A 70 -2.85 33.17 8.64
C VAL A 70 -1.49 32.61 9.00
N ASN A 71 -1.45 31.32 9.31
CA ASN A 71 -0.21 30.67 9.69
C ASN A 71 0.39 29.92 8.51
N HIS A 72 1.27 28.96 8.82
CA HIS A 72 1.93 28.15 7.80
C HIS A 72 1.26 26.78 7.71
N ASN A 73 0.63 26.36 8.81
CA ASN A 73 -0.04 25.06 8.90
C ASN A 73 -0.79 24.59 7.65
N SER A 74 -1.00 23.27 7.57
CA SER A 74 -1.68 22.64 6.44
C SER A 74 -3.19 22.82 6.38
N GLY A 75 -3.78 22.30 5.31
CA GLY A 75 -5.22 22.38 5.13
C GLY A 75 -5.92 21.63 6.24
N THR A 76 -5.44 20.42 6.51
CA THR A 76 -6.01 19.60 7.56
C THR A 76 -5.90 20.36 8.87
N GLU A 77 -4.85 21.16 8.99
CA GLU A 77 -4.62 21.98 10.17
C GLU A 77 -5.68 23.07 10.25
N ARG A 78 -6.08 23.60 9.09
CA ARG A 78 -7.10 24.64 9.05
C ARG A 78 -8.49 24.06 9.31
N LEU A 79 -8.69 22.79 8.96
CA LEU A 79 -9.98 22.14 9.22
C LEU A 79 -10.13 21.97 10.73
N ALA A 80 -9.04 21.60 11.41
CA ALA A 80 -9.08 21.42 12.84
C ALA A 80 -9.45 22.73 13.55
N GLU A 81 -8.87 23.83 13.11
CA GLU A 81 -9.16 25.13 13.71
C GLU A 81 -10.64 25.50 13.59
N VAL A 82 -11.27 25.12 12.49
CA VAL A 82 -12.69 25.41 12.30
C VAL A 82 -13.48 24.59 13.30
N VAL A 83 -13.14 23.32 13.42
CA VAL A 83 -13.81 22.41 14.33
C VAL A 83 -13.70 22.96 15.75
N GLU A 84 -12.50 23.40 16.12
CA GLU A 84 -12.26 23.94 17.44
C GLU A 84 -12.99 25.25 17.70
N LYS A 85 -12.93 26.17 16.74
CA LYS A 85 -13.58 27.47 16.90
C LYS A 85 -15.10 27.41 16.96
N LEU A 86 -15.69 26.48 16.23
CA LEU A 86 -17.15 26.34 16.23
C LEU A 86 -17.62 25.31 17.24
N ALA A 87 -16.68 24.76 18.01
CA ALA A 87 -16.99 23.75 19.02
C ALA A 87 -17.82 22.63 18.41
N ILE A 88 -17.34 22.09 17.30
CA ILE A 88 -18.05 21.00 16.63
C ILE A 88 -17.83 19.71 17.40
N PRO A 89 -18.92 19.05 17.81
CA PRO A 89 -18.86 17.79 18.57
C PRO A 89 -18.03 16.73 17.85
N ASP A 90 -17.28 15.95 18.62
CA ASP A 90 -16.41 14.91 18.09
C ASP A 90 -16.99 13.95 17.06
N ASN A 91 -18.25 13.56 17.21
CA ASN A 91 -18.82 12.60 16.27
C ASN A 91 -19.43 13.18 15.00
N GLU A 92 -19.45 14.50 14.88
CA GLU A 92 -20.02 15.15 13.71
C GLU A 92 -19.27 14.75 12.44
N ILE A 93 -20.00 14.43 11.39
CA ILE A 93 -19.37 14.06 10.14
C ILE A 93 -19.02 15.34 9.39
N ILE A 94 -17.75 15.47 9.00
CA ILE A 94 -17.30 16.65 8.27
C ILE A 94 -16.79 16.27 6.89
N VAL A 95 -17.27 16.98 5.87
CA VAL A 95 -16.83 16.74 4.50
C VAL A 95 -16.08 18.00 4.06
N ASN A 96 -14.88 17.80 3.55
CA ASN A 96 -14.03 18.89 3.10
C ASN A 96 -14.08 19.01 1.59
N ILE A 97 -14.61 20.11 1.08
CA ILE A 97 -14.70 20.35 -0.36
C ILE A 97 -13.95 21.63 -0.69
N GLN A 98 -13.19 21.60 -1.78
CA GLN A 98 -12.41 22.78 -2.17
C GLN A 98 -13.22 23.92 -2.77
N GLY A 99 -12.85 25.15 -2.40
CA GLY A 99 -13.54 26.32 -2.88
C GLY A 99 -13.38 26.66 -4.36
N ASP A 100 -12.61 25.88 -5.09
CA ASP A 100 -12.42 26.15 -6.52
C ASP A 100 -13.00 25.04 -7.40
N GLU A 101 -14.05 24.40 -6.90
CA GLU A 101 -14.72 23.33 -7.63
C GLU A 101 -16.21 23.66 -7.75
N PRO A 102 -16.53 24.70 -8.54
CA PRO A 102 -17.92 25.14 -8.75
C PRO A 102 -18.82 24.12 -9.42
N LEU A 103 -18.23 23.09 -10.01
CA LEU A 103 -19.00 22.05 -10.69
C LEU A 103 -18.97 20.71 -9.94
N ILE A 104 -18.54 20.72 -8.67
CA ILE A 104 -18.50 19.48 -7.92
C ILE A 104 -19.89 18.84 -7.87
N PRO A 105 -19.98 17.54 -8.16
CA PRO A 105 -21.28 16.85 -8.15
C PRO A 105 -21.79 16.67 -6.71
N PRO A 106 -22.96 17.21 -6.40
CA PRO A 106 -23.47 17.05 -5.04
C PRO A 106 -23.59 15.59 -4.62
N VAL A 107 -23.84 14.71 -5.58
CA VAL A 107 -23.98 13.29 -5.29
C VAL A 107 -22.73 12.66 -4.67
N ILE A 108 -21.55 13.11 -5.07
CA ILE A 108 -20.33 12.52 -4.50
C ILE A 108 -20.00 13.11 -3.13
N VAL A 109 -20.50 14.31 -2.86
CA VAL A 109 -20.30 14.96 -1.58
C VAL A 109 -21.10 14.12 -0.57
N ARG A 110 -22.33 13.79 -0.93
CA ARG A 110 -23.20 12.97 -0.09
C ARG A 110 -22.63 11.56 0.04
N GLN A 111 -22.06 11.06 -1.05
CA GLN A 111 -21.49 9.71 -1.08
C GLN A 111 -20.42 9.48 -0.02
N VAL A 112 -19.45 10.37 0.07
CA VAL A 112 -18.37 10.20 1.03
C VAL A 112 -18.91 10.29 2.46
N ALA A 113 -19.86 11.20 2.68
CA ALA A 113 -20.48 11.36 4.00
C ALA A 113 -21.19 10.06 4.39
N ASP A 114 -21.99 9.52 3.49
CA ASP A 114 -22.71 8.28 3.79
C ASP A 114 -21.74 7.11 4.03
N ASN A 115 -20.66 7.06 3.25
CA ASN A 115 -19.68 5.99 3.41
C ASN A 115 -19.01 6.02 4.77
N LEU A 116 -18.76 7.22 5.28
CA LEU A 116 -18.13 7.37 6.58
C LEU A 116 -19.04 6.71 7.63
N ALA A 117 -20.34 6.97 7.52
CA ALA A 117 -21.29 6.40 8.48
C ALA A 117 -21.51 4.91 8.25
N LYS A 118 -21.67 4.54 7.00
CA LYS A 118 -21.89 3.14 6.62
C LYS A 118 -20.81 2.20 7.15
N PHE A 119 -19.55 2.54 6.93
CA PHE A 119 -18.44 1.70 7.37
C PHE A 119 -17.89 2.08 8.74
N ASN A 120 -18.44 3.14 9.32
CA ASN A 120 -18.01 3.61 10.65
C ASN A 120 -16.50 3.74 10.77
N VAL A 121 -15.89 4.47 9.84
CA VAL A 121 -14.44 4.71 9.88
C VAL A 121 -14.25 6.16 10.28
N ASN A 122 -13.02 6.55 10.59
CA ASN A 122 -12.77 7.94 10.97
C ASN A 122 -12.44 8.80 9.76
N MET A 123 -12.23 8.14 8.63
CA MET A 123 -11.87 8.85 7.40
C MET A 123 -12.28 8.08 6.16
N ALA A 124 -12.89 8.79 5.21
CA ALA A 124 -13.34 8.20 3.97
C ALA A 124 -13.04 9.13 2.81
N SER A 125 -12.80 8.55 1.64
CA SER A 125 -12.51 9.36 0.46
C SER A 125 -13.01 8.65 -0.79
N LEU A 126 -12.69 9.21 -1.96
CA LEU A 126 -13.13 8.63 -3.23
C LEU A 126 -12.03 8.54 -4.28
N ALA A 127 -12.30 7.79 -5.33
CA ALA A 127 -11.33 7.63 -6.42
C ALA A 127 -12.08 7.48 -7.73
N VAL A 128 -11.36 7.67 -8.83
CA VAL A 128 -11.94 7.53 -10.16
C VAL A 128 -10.96 6.69 -10.98
N LYS A 129 -11.49 5.94 -11.94
CA LYS A 129 -10.64 5.10 -12.77
C LYS A 129 -9.64 5.90 -13.60
N ILE A 130 -8.48 5.31 -13.84
CA ILE A 130 -7.46 5.92 -14.66
C ILE A 130 -7.46 5.10 -15.94
N HIS A 131 -7.66 5.75 -17.08
CA HIS A 131 -7.69 5.02 -18.35
C HIS A 131 -6.46 5.23 -19.23
N ASP A 132 -5.74 6.34 -19.03
CA ASP A 132 -4.58 6.64 -19.84
C ASP A 132 -3.23 6.43 -19.16
N ALA A 133 -2.31 5.79 -19.87
CA ALA A 133 -0.98 5.53 -19.35
C ALA A 133 -0.28 6.85 -19.01
N GLU A 134 -0.56 7.88 -19.80
CA GLU A 134 0.06 9.19 -19.57
C GLU A 134 -0.28 9.72 -18.19
N GLU A 135 -1.55 9.55 -17.79
CA GLU A 135 -2.00 10.00 -16.47
C GLU A 135 -1.45 9.07 -15.40
N LEU A 136 -1.48 7.76 -15.67
CA LEU A 136 -1.01 6.78 -14.71
C LEU A 136 0.42 7.06 -14.21
N PHE A 137 1.33 7.39 -15.13
CA PHE A 137 2.71 7.65 -14.74
C PHE A 137 2.98 9.07 -14.29
N ASN A 138 1.95 9.91 -14.31
CA ASN A 138 2.08 11.29 -13.88
C ASN A 138 2.14 11.29 -12.35
N PRO A 139 3.24 11.80 -11.78
CA PRO A 139 3.40 11.84 -10.32
C PRO A 139 2.34 12.71 -9.64
N ASN A 140 1.72 13.59 -10.41
CA ASN A 140 0.68 14.49 -9.89
C ASN A 140 -0.63 13.76 -9.68
N ALA A 141 -0.80 12.63 -10.35
CA ALA A 141 -2.01 11.83 -10.19
C ALA A 141 -1.69 10.84 -9.08
N VAL A 142 -2.45 10.91 -7.99
CA VAL A 142 -2.22 10.01 -6.85
C VAL A 142 -2.99 8.71 -7.04
N LYS A 143 -2.25 7.61 -7.14
CA LYS A 143 -2.87 6.30 -7.31
C LYS A 143 -3.19 5.75 -5.94
N VAL A 144 -4.25 4.97 -5.87
CA VAL A 144 -4.66 4.37 -4.61
C VAL A 144 -5.18 2.96 -4.88
N LEU A 145 -5.00 2.08 -3.90
CA LEU A 145 -5.46 0.69 -3.99
C LEU A 145 -6.11 0.34 -2.65
N THR A 146 -7.14 -0.51 -2.70
CA THR A 146 -7.82 -0.90 -1.46
C THR A 146 -7.95 -2.41 -1.39
N ASP A 147 -8.45 -2.92 -0.27
CA ASP A 147 -8.66 -4.34 -0.18
C ASP A 147 -10.06 -4.61 -0.74
N LYS A 148 -10.58 -5.82 -0.52
CA LYS A 148 -11.89 -6.19 -1.07
C LYS A 148 -13.07 -5.39 -0.54
N ASP A 149 -12.90 -4.71 0.60
CA ASP A 149 -13.98 -3.94 1.19
C ASP A 149 -13.85 -2.43 0.99
N GLY A 150 -12.77 -2.01 0.33
CA GLY A 150 -12.56 -0.59 0.08
C GLY A 150 -11.60 0.07 1.06
N TYR A 151 -11.03 -0.71 1.97
CA TYR A 151 -10.09 -0.16 2.94
C TYR A 151 -8.75 0.01 2.25
N VAL A 152 -8.23 1.23 2.29
CA VAL A 152 -6.98 1.55 1.63
C VAL A 152 -5.75 0.76 2.05
N LEU A 153 -4.97 0.36 1.06
CA LEU A 153 -3.72 -0.36 1.29
C LEU A 153 -2.62 0.70 1.26
N TYR A 154 -2.61 1.50 0.21
CA TYR A 154 -1.59 2.55 0.08
C TYR A 154 -1.98 3.61 -0.97
N PHE A 155 -1.40 4.81 -0.83
CA PHE A 155 -1.58 5.91 -1.79
C PHE A 155 -0.15 6.15 -2.26
N SER A 156 0.04 6.50 -3.53
CA SER A 156 1.39 6.77 -4.01
C SER A 156 1.43 7.49 -5.35
N ARG A 157 2.49 8.24 -5.57
CA ARG A 157 2.65 8.93 -6.83
C ARG A 157 3.29 7.95 -7.81
N SER A 158 3.81 6.85 -7.27
CA SER A 158 4.41 5.81 -8.11
C SER A 158 3.27 4.96 -8.64
N VAL A 159 3.49 4.31 -9.78
CA VAL A 159 2.46 3.46 -10.38
C VAL A 159 2.22 2.16 -9.61
N ILE A 160 1.01 1.99 -9.11
CA ILE A 160 0.63 0.78 -8.39
C ILE A 160 -0.79 0.43 -8.78
N PRO A 161 -1.07 -0.85 -9.05
CA PRO A 161 -0.11 -1.96 -9.02
C PRO A 161 0.84 -1.96 -10.22
N TYR A 162 2.01 -2.59 -10.05
CA TYR A 162 2.99 -2.71 -11.12
C TYR A 162 2.49 -3.84 -12.02
N ASP A 163 2.50 -3.62 -13.33
CA ASP A 163 2.05 -4.66 -14.26
C ASP A 163 3.31 -5.37 -14.78
N ARG A 164 3.66 -6.47 -14.14
CA ARG A 164 4.84 -7.24 -14.50
C ARG A 164 5.06 -7.44 -15.99
N ASP A 165 4.15 -8.16 -16.62
CA ASP A 165 4.24 -8.46 -18.04
C ASP A 165 4.37 -7.25 -18.98
N GLN A 166 3.80 -6.12 -18.60
CA GLN A 166 3.86 -4.94 -19.45
C GLN A 166 4.84 -3.85 -19.03
N PHE A 167 5.27 -3.86 -17.78
CA PHE A 167 6.18 -2.82 -17.30
C PHE A 167 7.65 -3.26 -17.20
N MET A 168 7.91 -4.57 -17.31
CA MET A 168 9.29 -5.09 -17.21
C MET A 168 10.31 -4.24 -17.95
N ASN A 169 10.32 -4.34 -19.28
CA ASN A 169 11.25 -3.56 -20.09
C ASN A 169 10.47 -2.62 -21.00
N LEU A 170 9.65 -1.78 -20.41
CA LEU A 170 8.84 -0.83 -21.16
C LEU A 170 9.70 0.24 -21.79
N GLN A 171 9.41 0.55 -23.05
CA GLN A 171 10.16 1.56 -23.80
C GLN A 171 9.31 2.76 -24.19
N ASP A 172 7.99 2.57 -24.22
CA ASP A 172 7.07 3.65 -24.58
C ASP A 172 5.82 3.54 -23.72
N VAL A 173 5.85 4.16 -22.54
CA VAL A 173 4.72 4.10 -21.61
C VAL A 173 3.42 4.63 -22.21
N GLN A 174 3.51 5.65 -23.03
CA GLN A 174 2.31 6.23 -23.63
C GLN A 174 1.54 5.27 -24.53
N LYS A 175 2.17 4.16 -24.92
CA LYS A 175 1.50 3.20 -25.79
C LYS A 175 1.08 1.90 -25.10
N VAL A 176 1.39 1.77 -23.80
CA VAL A 176 1.02 0.56 -23.10
C VAL A 176 -0.49 0.49 -22.90
N GLN A 177 -1.06 -0.70 -23.03
CA GLN A 177 -2.49 -0.88 -22.84
C GLN A 177 -2.71 -1.30 -21.40
N LEU A 178 -3.36 -0.43 -20.63
CA LEU A 178 -3.60 -0.69 -19.21
C LEU A 178 -4.78 -1.59 -18.92
N SER A 179 -4.68 -2.33 -17.83
CA SER A 179 -5.77 -3.20 -17.41
C SER A 179 -6.73 -2.28 -16.66
N ASP A 180 -7.84 -2.82 -16.19
CA ASP A 180 -8.82 -2.02 -15.46
C ASP A 180 -8.59 -2.27 -13.97
N ALA A 181 -7.51 -1.71 -13.43
CA ALA A 181 -7.18 -1.89 -12.03
C ALA A 181 -6.64 -0.62 -11.39
N TYR A 182 -6.48 0.43 -12.19
CA TYR A 182 -5.93 1.68 -11.68
C TYR A 182 -6.94 2.71 -11.20
N LEU A 183 -6.64 3.32 -10.06
CA LEU A 183 -7.51 4.32 -9.46
C LEU A 183 -6.79 5.61 -9.10
N ARG A 184 -7.38 6.74 -9.48
CA ARG A 184 -6.81 8.03 -9.16
C ARG A 184 -7.56 8.56 -7.94
N HIS A 185 -6.84 8.83 -6.87
CA HIS A 185 -7.47 9.34 -5.65
C HIS A 185 -7.96 10.77 -5.87
N ILE A 186 -9.17 11.06 -5.40
CA ILE A 186 -9.79 12.38 -5.52
C ILE A 186 -9.72 13.02 -4.14
N GLY A 187 -9.26 14.27 -4.09
CA GLY A 187 -9.10 14.99 -2.83
C GLY A 187 -10.33 15.43 -2.05
N ILE A 188 -11.38 14.61 -2.04
CA ILE A 188 -12.59 14.93 -1.29
C ILE A 188 -12.62 13.97 -0.10
N TYR A 189 -12.77 14.51 1.11
CA TYR A 189 -12.76 13.69 2.30
C TYR A 189 -13.92 13.89 3.26
N ALA A 190 -14.16 12.85 4.07
CA ALA A 190 -15.17 12.86 5.12
C ALA A 190 -14.38 12.41 6.35
N TYR A 191 -14.59 13.08 7.48
CA TYR A 191 -13.89 12.75 8.72
C TYR A 191 -14.86 12.89 9.88
N ARG A 192 -14.53 12.29 11.01
CA ARG A 192 -15.33 12.51 12.20
C ARG A 192 -14.60 13.76 12.71
N ALA A 193 -15.35 14.77 13.11
CA ALA A 193 -14.72 16.01 13.58
C ALA A 193 -13.61 15.75 14.60
N GLY A 194 -13.87 14.85 15.55
CA GLY A 194 -12.89 14.55 16.57
C GLY A 194 -11.59 13.96 16.04
N PHE A 195 -11.67 13.23 14.93
CA PHE A 195 -10.49 12.61 14.35
C PHE A 195 -9.52 13.62 13.74
N ILE A 196 -10.03 14.70 13.18
CA ILE A 196 -9.16 15.69 12.57
C ILE A 196 -8.15 16.18 13.58
N LYS A 197 -8.62 16.40 14.81
CA LYS A 197 -7.75 16.87 15.89
C LYS A 197 -6.62 15.86 16.16
N GLN A 198 -6.95 14.58 16.15
CA GLN A 198 -5.97 13.52 16.37
C GLN A 198 -4.99 13.48 15.20
N TYR A 199 -5.54 13.56 14.00
CA TYR A 199 -4.78 13.54 12.74
C TYR A 199 -3.66 14.58 12.78
N VAL A 200 -4.00 15.81 13.10
CA VAL A 200 -3.02 16.88 13.15
C VAL A 200 -2.05 16.76 14.33
N GLN A 201 -2.46 16.04 15.36
CA GLN A 201 -1.62 15.86 16.55
C GLN A 201 -0.53 14.80 16.32
N TRP A 202 -0.78 13.88 15.40
CA TRP A 202 0.21 12.85 15.10
C TRP A 202 1.46 13.52 14.51
N ALA A 203 2.62 13.02 14.90
CA ALA A 203 3.89 13.58 14.43
C ALA A 203 4.05 13.40 12.92
N PRO A 204 4.82 14.30 12.29
CA PRO A 204 5.06 14.23 10.84
C PRO A 204 5.78 12.91 10.58
N THR A 205 5.50 12.28 9.44
CA THR A 205 6.12 11.01 9.13
C THR A 205 7.09 11.11 7.97
N GLN A 206 8.10 10.24 7.96
CA GLN A 206 9.10 10.21 6.90
C GLN A 206 8.38 9.86 5.61
N LEU A 207 7.35 9.04 5.76
CA LEU A 207 6.56 8.59 4.62
C LEU A 207 5.84 9.74 3.90
N GLU A 208 5.13 10.58 4.64
CA GLU A 208 4.41 11.69 4.03
C GLU A 208 5.34 12.72 3.43
N ASN A 209 6.51 12.90 4.06
CA ASN A 209 7.48 13.87 3.59
C ASN A 209 8.11 13.44 2.27
N LEU A 210 8.26 12.14 2.08
CA LEU A 210 8.85 11.63 0.84
C LEU A 210 7.86 11.72 -0.31
N GLU A 211 6.68 11.13 -0.13
CA GLU A 211 5.64 11.13 -1.16
C GLU A 211 4.94 12.49 -1.27
N LYS A 212 5.08 13.32 -0.25
CA LYS A 212 4.40 14.63 -0.22
C LYS A 212 2.89 14.38 -0.26
N LEU A 213 2.47 13.42 0.55
CA LEU A 213 1.06 13.03 0.68
C LEU A 213 0.71 12.99 2.15
N GLU A 214 0.04 14.04 2.61
CA GLU A 214 -0.37 14.16 4.02
C GLU A 214 -1.17 12.97 4.54
N GLN A 215 -1.98 12.36 3.67
CA GLN A 215 -2.81 11.24 4.11
C GLN A 215 -2.03 9.99 4.49
N LEU A 216 -0.75 9.94 4.13
CA LEU A 216 0.01 8.75 4.48
C LEU A 216 0.28 8.73 5.99
N ARG A 217 0.09 9.89 6.65
CA ARG A 217 0.30 9.96 8.09
C ARG A 217 -0.75 9.09 8.78
N VAL A 218 -1.94 9.04 8.21
CA VAL A 218 -3.04 8.25 8.75
C VAL A 218 -2.75 6.75 8.59
N LEU A 219 -2.31 6.34 7.40
CA LEU A 219 -1.99 4.93 7.18
C LEU A 219 -0.82 4.53 8.06
N TYR A 220 0.18 5.41 8.17
CA TYR A 220 1.34 5.10 9.00
C TYR A 220 0.94 4.85 10.45
N ASN A 221 -0.04 5.60 10.94
CA ASN A 221 -0.53 5.43 12.32
C ASN A 221 -1.60 4.34 12.44
N GLY A 222 -1.71 3.51 11.40
CA GLY A 222 -2.65 2.40 11.41
C GLY A 222 -4.14 2.69 11.46
N GLU A 223 -4.56 3.85 10.97
CA GLU A 223 -5.98 4.20 10.97
C GLU A 223 -6.62 3.77 9.66
N ARG A 224 -7.74 3.05 9.75
CA ARG A 224 -8.43 2.58 8.56
C ARG A 224 -9.07 3.72 7.77
N ILE A 225 -8.87 3.70 6.46
CA ILE A 225 -9.44 4.70 5.56
C ILE A 225 -10.25 3.95 4.51
N HIS A 226 -11.47 4.41 4.26
CA HIS A 226 -12.29 3.77 3.24
C HIS A 226 -12.35 4.63 1.98
N VAL A 227 -12.10 3.99 0.84
CA VAL A 227 -12.13 4.67 -0.45
C VAL A 227 -13.02 3.86 -1.37
N GLU A 228 -13.86 4.57 -2.12
CA GLU A 228 -14.78 3.94 -3.04
C GLU A 228 -14.80 4.71 -4.36
N LEU A 229 -15.14 4.01 -5.43
CA LEU A 229 -15.23 4.61 -6.75
C LEU A 229 -16.32 5.67 -6.70
N ALA A 230 -15.98 6.90 -7.09
CA ALA A 230 -16.95 8.00 -7.08
C ALA A 230 -18.12 7.71 -8.03
N LYS A 231 -19.33 8.04 -7.60
CA LYS A 231 -20.52 7.81 -8.43
C LYS A 231 -20.46 8.63 -9.71
N GLU A 232 -19.76 9.76 -9.66
CA GLU A 232 -19.59 10.64 -10.82
C GLU A 232 -18.20 11.26 -10.78
N VAL A 233 -17.57 11.39 -11.94
CA VAL A 233 -16.23 11.97 -12.04
C VAL A 233 -16.30 13.49 -11.89
N PRO A 234 -15.70 14.04 -10.83
CA PRO A 234 -15.72 15.49 -10.61
C PRO A 234 -14.73 16.21 -11.53
N ALA A 235 -15.08 17.44 -11.93
CA ALA A 235 -14.22 18.23 -12.79
C ALA A 235 -13.02 18.72 -12.00
N VAL A 236 -11.92 18.99 -12.69
CA VAL A 236 -10.72 19.49 -12.04
C VAL A 236 -11.05 20.88 -11.53
N GLY A 237 -10.44 21.26 -10.41
CA GLY A 237 -10.69 22.58 -9.84
C GLY A 237 -10.13 23.70 -10.71
N VAL A 238 -10.74 24.87 -10.61
CA VAL A 238 -10.33 26.03 -11.39
C VAL A 238 -9.11 26.72 -10.79
N ASP A 239 -8.05 26.88 -11.58
CA ASP A 239 -6.85 27.55 -11.08
C ASP A 239 -6.18 28.39 -12.16
N THR A 240 -6.76 28.42 -13.35
CA THR A 240 -6.22 29.21 -14.46
C THR A 240 -7.37 29.97 -15.13
N ALA A 241 -7.02 30.99 -15.90
CA ALA A 241 -8.04 31.77 -16.60
C ALA A 241 -8.75 30.85 -17.61
N GLU A 242 -8.01 29.92 -18.20
CA GLU A 242 -8.58 28.98 -19.17
C GLU A 242 -9.66 28.13 -18.52
N ASP A 243 -9.35 27.58 -17.34
CA ASP A 243 -10.29 26.74 -16.61
C ASP A 243 -11.55 27.55 -16.26
N LEU A 244 -11.34 28.81 -15.88
CA LEU A 244 -12.45 29.68 -15.53
C LEU A 244 -13.35 29.89 -16.75
N GLU A 245 -12.73 30.11 -17.91
CA GLU A 245 -13.50 30.31 -19.14
C GLU A 245 -14.33 29.06 -19.44
N LYS A 246 -13.73 27.89 -19.22
CA LYS A 246 -14.42 26.63 -19.47
C LYS A 246 -15.67 26.50 -18.61
N VAL A 247 -15.52 26.73 -17.30
CA VAL A 247 -16.67 26.63 -16.39
C VAL A 247 -17.75 27.62 -16.80
N ARG A 248 -17.37 28.84 -17.14
CA ARG A 248 -18.33 29.86 -17.56
C ARG A 248 -19.12 29.39 -18.76
N ALA A 249 -18.44 28.75 -19.71
CA ALA A 249 -19.10 28.27 -20.90
C ALA A 249 -20.07 27.14 -20.58
N ILE A 250 -19.68 26.28 -19.64
CA ILE A 250 -20.53 25.16 -19.26
C ILE A 250 -21.80 25.63 -18.57
N LEU A 251 -21.68 26.59 -17.65
CA LEU A 251 -22.84 27.09 -16.94
C LEU A 251 -23.71 27.93 -17.87
N ALA A 252 -23.11 28.50 -18.91
CA ALA A 252 -23.86 29.30 -19.87
C ALA A 252 -24.72 28.36 -20.72
N ALA A 253 -24.15 27.22 -21.09
CA ALA A 253 -24.85 26.24 -21.92
C ALA A 253 -25.99 25.58 -21.15
N ASN A 254 -25.79 25.37 -19.86
CA ASN A 254 -26.81 24.73 -19.02
C ASN A 254 -28.01 25.60 -18.68
N GLY A 255 -28.13 26.77 -19.31
CA GLY A 255 -29.28 27.64 -19.01
C GLY A 255 -29.83 28.43 -20.21
N SER A 256 -30.35 27.71 -21.20
CA SER A 256 -30.91 28.38 -22.36
C SER A 256 -31.86 27.45 -23.12
N SER B 2 7.25 -23.29 20.34
CA SER B 2 7.96 -24.14 19.34
C SER B 2 7.41 -23.88 17.94
N PHE B 3 8.09 -24.38 16.93
CA PHE B 3 7.65 -24.20 15.55
C PHE B 3 8.23 -25.26 14.63
N THR B 4 7.58 -25.42 13.49
CA THR B 4 7.99 -26.39 12.48
C THR B 4 8.44 -25.68 11.21
N VAL B 5 9.58 -26.10 10.68
CA VAL B 5 10.10 -25.51 9.45
C VAL B 5 9.83 -26.50 8.31
N ILE B 6 9.33 -25.99 7.19
CA ILE B 6 9.07 -26.81 6.03
C ILE B 6 9.93 -26.23 4.91
N ILE B 7 10.75 -27.08 4.29
CA ILE B 7 11.66 -26.65 3.24
C ILE B 7 11.29 -27.19 1.87
N PRO B 8 10.81 -26.32 0.97
CA PRO B 8 10.45 -26.78 -0.37
C PRO B 8 11.76 -27.12 -1.08
N ALA B 9 11.82 -28.29 -1.70
CA ALA B 9 13.01 -28.72 -2.41
C ALA B 9 12.67 -29.10 -3.84
N ARG B 10 12.33 -28.10 -4.64
CA ARG B 10 11.96 -28.29 -6.04
C ARG B 10 13.16 -28.87 -6.80
N PHE B 11 12.96 -30.05 -7.38
CA PHE B 11 14.02 -30.73 -8.12
C PHE B 11 14.25 -30.06 -9.47
N ALA B 12 13.16 -29.70 -10.15
CA ALA B 12 13.23 -29.06 -11.45
C ALA B 12 13.86 -27.68 -11.34
N SER B 13 15.05 -27.53 -11.89
CA SER B 13 15.78 -26.27 -11.85
C SER B 13 16.27 -25.85 -13.23
N SER B 14 16.52 -24.56 -13.40
CA SER B 14 16.97 -24.01 -14.67
C SER B 14 18.41 -24.33 -15.06
N ARG B 15 19.36 -23.73 -14.36
CA ARG B 15 20.77 -23.91 -14.67
C ARG B 15 21.49 -24.87 -13.72
N LEU B 16 20.73 -25.56 -12.87
CA LEU B 16 21.32 -26.50 -11.93
C LEU B 16 20.49 -27.77 -11.75
N PRO B 17 20.47 -28.66 -12.75
CA PRO B 17 19.70 -29.89 -12.66
C PRO B 17 19.91 -30.62 -11.32
N GLY B 18 18.81 -31.10 -10.73
CA GLY B 18 18.92 -31.80 -9.46
C GLY B 18 19.47 -30.87 -8.40
N LYS B 19 19.03 -29.62 -8.46
CA LYS B 19 19.46 -28.55 -7.57
C LYS B 19 19.60 -28.89 -6.08
N PRO B 20 18.58 -29.52 -5.48
CA PRO B 20 18.63 -29.88 -4.05
C PRO B 20 19.83 -30.74 -3.67
N LEU B 21 20.31 -31.54 -4.62
CA LEU B 21 21.44 -32.41 -4.34
C LEU B 21 22.80 -31.85 -4.78
N ALA B 22 22.83 -30.60 -5.23
CA ALA B 22 24.10 -30.00 -5.65
C ALA B 22 25.11 -30.19 -4.53
N ASP B 23 26.32 -30.62 -4.87
CA ASP B 23 27.34 -30.87 -3.87
C ASP B 23 27.99 -29.63 -3.27
N ILE B 24 27.93 -29.50 -1.96
CA ILE B 24 28.56 -28.38 -1.26
C ILE B 24 29.42 -28.96 -0.15
N LYS B 25 30.70 -29.14 -0.45
CA LYS B 25 31.67 -29.70 0.49
C LYS B 25 31.32 -31.06 1.09
N GLY B 26 30.80 -31.97 0.26
CA GLY B 26 30.48 -33.30 0.73
C GLY B 26 29.05 -33.56 1.15
N LYS B 27 28.23 -32.51 1.22
CA LYS B 27 26.83 -32.65 1.58
C LYS B 27 25.98 -31.95 0.53
N PRO B 28 24.79 -32.50 0.22
CA PRO B 28 23.91 -31.89 -0.78
C PRO B 28 23.44 -30.54 -0.25
N MET B 29 23.12 -29.62 -1.15
CA MET B 29 22.66 -28.30 -0.71
C MET B 29 21.49 -28.37 0.27
N ILE B 30 20.53 -29.25 -0.01
CA ILE B 30 19.36 -29.37 0.85
C ILE B 30 19.72 -29.78 2.27
N GLN B 31 20.82 -30.51 2.44
CA GLN B 31 21.23 -30.91 3.78
C GLN B 31 21.74 -29.71 4.56
N HIS B 32 22.40 -28.79 3.86
CA HIS B 32 22.93 -27.58 4.51
C HIS B 32 21.75 -26.77 5.04
N VAL B 33 20.72 -26.63 4.21
CA VAL B 33 19.54 -25.88 4.60
C VAL B 33 18.87 -26.57 5.78
N PHE B 34 18.81 -27.90 5.72
CA PHE B 34 18.20 -28.69 6.79
C PHE B 34 18.91 -28.42 8.12
N GLU B 35 20.24 -28.45 8.11
CA GLU B 35 21.02 -28.21 9.32
C GLU B 35 20.81 -26.80 9.87
N LYS B 36 20.67 -25.82 8.98
CA LYS B 36 20.44 -24.45 9.45
C LYS B 36 19.10 -24.38 10.17
N ALA B 37 18.09 -25.06 9.61
CA ALA B 37 16.76 -25.07 10.20
C ALA B 37 16.81 -25.71 11.59
N LEU B 38 17.64 -26.72 11.76
CA LEU B 38 17.74 -27.34 13.08
C LEU B 38 18.39 -26.36 14.04
N GLN B 39 19.32 -25.55 13.53
CA GLN B 39 20.03 -24.57 14.35
C GLN B 39 19.17 -23.37 14.76
N SER B 40 18.01 -23.22 14.14
CA SER B 40 17.10 -22.12 14.47
C SER B 40 16.37 -22.41 15.76
N GLY B 41 16.34 -23.68 16.14
CA GLY B 41 15.64 -24.08 17.35
C GLY B 41 14.31 -24.74 17.04
N ALA B 42 14.03 -24.96 15.76
CA ALA B 42 12.77 -25.58 15.36
C ALA B 42 12.63 -26.96 16.00
N SER B 43 11.44 -27.30 16.43
CA SER B 43 11.20 -28.60 17.06
C SER B 43 10.98 -29.67 16.02
N ARG B 44 10.72 -29.25 14.78
CA ARG B 44 10.49 -30.20 13.71
C ARG B 44 10.86 -29.54 12.39
N VAL B 45 11.43 -30.33 11.48
CA VAL B 45 11.84 -29.82 10.18
C VAL B 45 11.41 -30.85 9.14
N ILE B 46 10.73 -30.39 8.10
CA ILE B 46 10.25 -31.28 7.05
C ILE B 46 10.68 -30.83 5.67
N ILE B 47 11.28 -31.74 4.91
CA ILE B 47 11.70 -31.43 3.55
C ILE B 47 10.56 -31.86 2.62
N ALA B 48 9.99 -30.91 1.89
CA ALA B 48 8.90 -31.17 0.96
C ALA B 48 9.50 -31.28 -0.44
N THR B 49 9.48 -32.47 -1.01
CA THR B 49 10.05 -32.68 -2.34
C THR B 49 9.16 -33.52 -3.26
N ASP B 50 9.37 -33.34 -4.55
CA ASP B 50 8.61 -34.08 -5.56
C ASP B 50 9.52 -35.08 -6.26
N ASN B 51 10.66 -35.37 -5.64
CA ASN B 51 11.61 -36.30 -6.21
C ASN B 51 12.01 -37.40 -5.23
N GLU B 52 11.82 -38.65 -5.65
CA GLU B 52 12.14 -39.81 -4.81
C GLU B 52 13.61 -39.89 -4.44
N ASN B 53 14.49 -39.51 -5.35
CA ASN B 53 15.92 -39.56 -5.10
C ASN B 53 16.27 -38.58 -3.98
N VAL B 54 15.67 -37.39 -4.03
CA VAL B 54 15.91 -36.39 -2.99
C VAL B 54 15.37 -36.94 -1.67
N ALA B 55 14.20 -37.57 -1.72
CA ALA B 55 13.58 -38.15 -0.53
C ALA B 55 14.47 -39.19 0.15
N ASP B 56 15.02 -40.10 -0.65
CA ASP B 56 15.91 -41.13 -0.10
C ASP B 56 17.12 -40.49 0.57
N VAL B 57 17.71 -39.51 -0.11
CA VAL B 57 18.89 -38.86 0.45
C VAL B 57 18.55 -38.11 1.75
N ALA B 58 17.44 -37.39 1.74
CA ALA B 58 17.02 -36.63 2.92
C ALA B 58 16.83 -37.57 4.11
N LYS B 59 16.17 -38.71 3.87
CA LYS B 59 15.96 -39.68 4.94
C LYS B 59 17.31 -40.18 5.47
N SER B 60 18.25 -40.39 4.55
CA SER B 60 19.57 -40.88 4.92
C SER B 60 20.29 -39.94 5.87
N PHE B 61 20.01 -38.64 5.84
CA PHE B 61 20.68 -37.75 6.78
C PHE B 61 19.81 -37.31 7.96
N GLY B 62 18.76 -38.11 8.23
CA GLY B 62 17.89 -37.87 9.36
C GLY B 62 16.73 -36.90 9.26
N ALA B 63 16.27 -36.61 8.05
CA ALA B 63 15.19 -35.66 7.88
C ALA B 63 13.85 -36.27 7.52
N GLU B 64 12.78 -35.68 8.05
CA GLU B 64 11.44 -36.12 7.74
C GLU B 64 11.22 -35.60 6.33
N VAL B 65 10.51 -36.36 5.51
CA VAL B 65 10.24 -35.94 4.15
C VAL B 65 8.76 -36.12 3.82
N CYS B 66 8.20 -35.17 3.12
CA CYS B 66 6.81 -35.29 2.71
C CYS B 66 6.83 -35.13 1.19
N MET B 67 6.31 -36.13 0.49
CA MET B 67 6.27 -36.06 -0.97
C MET B 67 5.19 -35.07 -1.39
N THR B 68 5.54 -34.20 -2.33
CA THR B 68 4.61 -33.20 -2.83
C THR B 68 4.45 -33.31 -4.34
N SER B 69 3.36 -32.74 -4.85
CA SER B 69 3.08 -32.79 -6.28
C SER B 69 3.97 -31.84 -7.08
N VAL B 70 4.48 -32.32 -8.20
CA VAL B 70 5.34 -31.52 -9.06
C VAL B 70 4.54 -30.43 -9.76
N ASN B 71 3.22 -30.49 -9.67
CA ASN B 71 2.35 -29.53 -10.32
C ASN B 71 1.99 -28.29 -9.51
N HIS B 72 2.73 -28.01 -8.44
CA HIS B 72 2.44 -26.83 -7.65
C HIS B 72 3.10 -25.61 -8.27
N ASN B 73 2.47 -24.45 -8.08
CA ASN B 73 2.99 -23.20 -8.65
C ASN B 73 3.66 -22.32 -7.60
N SER B 74 3.35 -22.55 -6.32
CA SER B 74 3.93 -21.75 -5.25
C SER B 74 4.33 -22.59 -4.05
N GLY B 75 5.27 -22.08 -3.27
CA GLY B 75 5.71 -22.78 -2.09
C GLY B 75 4.56 -22.85 -1.11
N THR B 76 3.65 -21.88 -1.19
CA THR B 76 2.49 -21.82 -0.31
C THR B 76 1.59 -23.03 -0.52
N GLU B 77 1.26 -23.32 -1.77
CA GLU B 77 0.40 -24.46 -2.06
C GLU B 77 1.12 -25.75 -1.69
N ARG B 78 2.44 -25.74 -1.83
CA ARG B 78 3.24 -26.91 -1.49
C ARG B 78 3.15 -27.10 0.04
N LEU B 79 3.21 -25.99 0.77
CA LEU B 79 3.12 -26.03 2.24
C LEU B 79 1.76 -26.54 2.66
N ALA B 80 0.71 -26.15 1.92
CA ALA B 80 -0.64 -26.58 2.25
C ALA B 80 -0.74 -28.11 2.13
N GLU B 81 -0.20 -28.66 1.05
CA GLU B 81 -0.24 -30.11 0.86
C GLU B 81 0.45 -30.85 2.01
N VAL B 82 1.55 -30.28 2.52
CA VAL B 82 2.27 -30.91 3.61
C VAL B 82 1.42 -30.86 4.89
N VAL B 83 0.85 -29.70 5.17
CA VAL B 83 0.03 -29.54 6.36
C VAL B 83 -1.14 -30.53 6.33
N GLU B 84 -1.73 -30.70 5.15
CA GLU B 84 -2.85 -31.60 4.96
C GLU B 84 -2.42 -33.06 5.13
N LYS B 85 -1.40 -33.47 4.37
CA LYS B 85 -0.92 -34.85 4.44
C LYS B 85 -0.46 -35.29 5.82
N LEU B 86 0.20 -34.41 6.55
CA LEU B 86 0.70 -34.75 7.88
C LEU B 86 -0.26 -34.42 9.02
N ALA B 87 -1.42 -33.88 8.67
CA ALA B 87 -2.43 -33.52 9.67
C ALA B 87 -1.87 -32.59 10.74
N ILE B 88 -1.13 -31.58 10.30
CA ILE B 88 -0.55 -30.62 11.24
C ILE B 88 -1.67 -29.74 11.81
N PRO B 89 -1.73 -29.60 13.15
CA PRO B 89 -2.73 -28.79 13.87
C PRO B 89 -2.79 -27.34 13.40
N ASP B 90 -4.00 -26.77 13.40
CA ASP B 90 -4.21 -25.40 12.95
C ASP B 90 -3.37 -24.33 13.66
N ASN B 91 -3.13 -24.51 14.95
CA ASN B 91 -2.36 -23.54 15.74
C ASN B 91 -0.84 -23.68 15.64
N GLU B 92 -0.37 -24.72 14.97
CA GLU B 92 1.07 -24.95 14.85
C GLU B 92 1.75 -23.88 13.99
N ILE B 93 2.88 -23.37 14.47
CA ILE B 93 3.61 -22.35 13.73
C ILE B 93 4.46 -23.01 12.64
N ILE B 94 4.29 -22.54 11.41
CA ILE B 94 5.06 -23.08 10.30
C ILE B 94 5.95 -22.01 9.69
N VAL B 95 7.22 -22.33 9.48
CA VAL B 95 8.12 -21.36 8.87
C VAL B 95 8.60 -21.97 7.56
N ASN B 96 8.42 -21.19 6.49
CA ASN B 96 8.80 -21.59 5.14
C ASN B 96 10.16 -21.01 4.79
N ILE B 97 11.13 -21.89 4.54
CA ILE B 97 12.49 -21.51 4.18
C ILE B 97 12.83 -22.16 2.84
N GLN B 98 13.53 -21.44 1.98
CA GLN B 98 13.87 -21.97 0.65
C GLN B 98 14.98 -23.02 0.65
N GLY B 99 14.82 -24.03 -0.20
CA GLY B 99 15.78 -25.11 -0.30
C GLY B 99 17.09 -24.79 -0.99
N ASP B 100 17.28 -23.54 -1.41
CA ASP B 100 18.53 -23.16 -2.06
C ASP B 100 19.27 -22.08 -1.28
N GLU B 101 19.06 -22.06 0.03
CA GLU B 101 19.72 -21.09 0.91
C GLU B 101 20.51 -21.81 2.00
N PRO B 102 21.62 -22.45 1.61
CA PRO B 102 22.50 -23.19 2.52
C PRO B 102 23.18 -22.35 3.59
N LEU B 103 23.16 -21.03 3.40
CA LEU B 103 23.79 -20.13 4.37
C LEU B 103 22.76 -19.28 5.11
N ILE B 104 21.49 -19.68 5.05
CA ILE B 104 20.45 -18.89 5.72
C ILE B 104 20.75 -18.77 7.22
N PRO B 105 20.68 -17.55 7.76
CA PRO B 105 20.94 -17.31 9.20
C PRO B 105 19.85 -17.92 10.07
N PRO B 106 20.20 -18.88 10.93
CA PRO B 106 19.18 -19.48 11.77
C PRO B 106 18.41 -18.47 12.62
N VAL B 107 19.06 -17.37 13.01
CA VAL B 107 18.37 -16.39 13.84
C VAL B 107 17.15 -15.76 13.16
N ILE B 108 17.20 -15.57 11.84
CA ILE B 108 16.04 -14.97 11.19
C ILE B 108 14.89 -15.95 11.03
N VAL B 109 15.21 -17.24 11.03
CA VAL B 109 14.17 -18.26 10.94
C VAL B 109 13.41 -18.21 12.26
N ARG B 110 14.14 -18.15 13.36
CA ARG B 110 13.51 -18.08 14.68
C ARG B 110 12.77 -16.74 14.81
N GLN B 111 13.37 -15.69 14.26
CA GLN B 111 12.80 -14.34 14.30
C GLN B 111 11.38 -14.27 13.75
N VAL B 112 11.17 -14.77 12.53
CA VAL B 112 9.83 -14.72 11.94
C VAL B 112 8.82 -15.51 12.76
N ALA B 113 9.25 -16.68 13.24
CA ALA B 113 8.39 -17.54 14.05
C ALA B 113 7.92 -16.82 15.32
N ASP B 114 8.84 -16.13 15.98
CA ASP B 114 8.49 -15.42 17.21
C ASP B 114 7.61 -14.21 16.95
N ASN B 115 7.69 -13.63 15.76
CA ASN B 115 6.88 -12.46 15.44
C ASN B 115 5.38 -12.71 15.28
N LEU B 116 4.98 -13.95 15.01
CA LEU B 116 3.55 -14.25 14.88
C LEU B 116 2.82 -13.95 16.19
N ALA B 117 3.34 -14.48 17.29
CA ALA B 117 2.73 -14.27 18.60
C ALA B 117 3.00 -12.85 19.11
N LYS B 118 4.22 -12.37 18.88
CA LYS B 118 4.61 -11.04 19.33
C LYS B 118 3.77 -9.92 18.76
N PHE B 119 3.35 -10.05 17.51
CA PHE B 119 2.55 -9.01 16.88
C PHE B 119 1.13 -9.47 16.57
N ASN B 120 0.76 -10.61 17.13
CA ASN B 120 -0.58 -11.17 16.97
C ASN B 120 -1.09 -11.21 15.53
N VAL B 121 -0.37 -11.90 14.66
CA VAL B 121 -0.76 -12.02 13.26
C VAL B 121 -0.71 -13.49 12.81
N ASN B 122 -1.37 -13.78 11.69
CA ASN B 122 -1.38 -15.13 11.16
C ASN B 122 -0.31 -15.32 10.12
N MET B 123 0.39 -14.25 9.78
CA MET B 123 1.43 -14.31 8.78
C MET B 123 2.47 -13.24 9.03
N ALA B 124 3.73 -13.64 9.14
CA ALA B 124 4.82 -12.72 9.38
C ALA B 124 5.96 -12.94 8.38
N SER B 125 6.67 -11.87 8.05
CA SER B 125 7.77 -11.96 7.11
C SER B 125 8.86 -10.96 7.46
N LEU B 126 9.91 -10.88 6.65
CA LEU B 126 11.01 -9.97 6.95
C LEU B 126 11.45 -9.16 5.74
N ALA B 127 12.26 -8.14 6.00
CA ALA B 127 12.79 -7.28 4.96
C ALA B 127 14.17 -6.78 5.34
N VAL B 128 14.90 -6.28 4.35
CA VAL B 128 16.24 -5.74 4.59
C VAL B 128 16.33 -4.39 3.89
N LYS B 129 17.19 -3.52 4.40
CA LYS B 129 17.34 -2.20 3.83
C LYS B 129 17.94 -2.20 2.44
N ILE B 130 17.47 -1.27 1.61
CA ILE B 130 17.97 -1.11 0.27
C ILE B 130 18.87 0.11 0.34
N HIS B 131 20.14 -0.06 -0.02
CA HIS B 131 21.10 1.04 0.00
C HIS B 131 21.50 1.40 -1.43
N ASP B 132 21.14 0.54 -2.37
CA ASP B 132 21.47 0.74 -3.77
C ASP B 132 20.28 1.17 -4.62
N ALA B 133 20.44 2.30 -5.30
CA ALA B 133 19.37 2.81 -6.16
C ALA B 133 19.13 1.85 -7.30
N GLU B 134 20.17 1.12 -7.70
CA GLU B 134 20.08 0.15 -8.78
C GLU B 134 19.12 -0.99 -8.43
N GLU B 135 19.23 -1.51 -7.22
CA GLU B 135 18.36 -2.60 -6.80
C GLU B 135 16.96 -2.06 -6.49
N LEU B 136 16.90 -0.80 -6.03
CA LEU B 136 15.61 -0.20 -5.71
C LEU B 136 14.72 -0.16 -6.95
N PHE B 137 15.28 0.29 -8.07
CA PHE B 137 14.52 0.39 -9.30
C PHE B 137 14.39 -0.92 -10.07
N ASN B 138 14.96 -2.00 -9.52
CA ASN B 138 14.89 -3.30 -10.17
C ASN B 138 13.54 -3.93 -9.81
N PRO B 139 12.71 -4.23 -10.83
CA PRO B 139 11.40 -4.84 -10.57
C PRO B 139 11.45 -6.23 -9.96
N ASN B 140 12.63 -6.85 -9.96
CA ASN B 140 12.77 -8.18 -9.37
C ASN B 140 12.98 -8.08 -7.87
N ALA B 141 13.27 -6.87 -7.41
CA ALA B 141 13.45 -6.60 -5.99
C ALA B 141 12.10 -6.10 -5.52
N VAL B 142 11.41 -6.90 -4.71
CA VAL B 142 10.09 -6.51 -4.22
C VAL B 142 10.19 -5.55 -3.05
N LYS B 143 9.65 -4.34 -3.24
CA LYS B 143 9.65 -3.33 -2.19
C LYS B 143 8.47 -3.53 -1.24
N VAL B 144 8.64 -3.10 0.00
CA VAL B 144 7.58 -3.25 0.99
C VAL B 144 7.62 -2.08 1.99
N LEU B 145 6.44 -1.68 2.45
CA LEU B 145 6.27 -0.59 3.40
C LEU B 145 5.31 -1.04 4.50
N THR B 146 5.52 -0.55 5.72
CA THR B 146 4.66 -0.92 6.85
C THR B 146 4.21 0.31 7.64
N ASP B 147 3.28 0.11 8.57
CA ASP B 147 2.84 1.21 9.41
C ASP B 147 3.82 1.25 10.59
N LYS B 148 3.55 2.12 11.57
CA LYS B 148 4.44 2.27 12.72
C LYS B 148 4.71 1.00 13.53
N ASP B 149 3.83 0.01 13.41
CA ASP B 149 3.98 -1.23 14.16
C ASP B 149 4.50 -2.40 13.32
N GLY B 150 4.77 -2.13 12.05
CA GLY B 150 5.28 -3.18 11.16
C GLY B 150 4.23 -3.89 10.32
N TYR B 151 2.98 -3.47 10.42
CA TYR B 151 1.93 -4.10 9.62
C TYR B 151 2.04 -3.57 8.20
N VAL B 152 2.11 -4.49 7.24
CA VAL B 152 2.29 -4.11 5.85
C VAL B 152 1.19 -3.26 5.22
N LEU B 153 1.62 -2.24 4.48
CA LEU B 153 0.72 -1.37 3.75
C LEU B 153 0.55 -1.98 2.36
N TYR B 154 1.66 -2.30 1.70
CA TYR B 154 1.63 -2.87 0.36
C TYR B 154 2.99 -3.45 -0.04
N PHE B 155 2.99 -4.38 -1.01
CA PHE B 155 4.22 -4.97 -1.56
C PHE B 155 4.19 -4.59 -3.04
N SER B 156 5.32 -4.20 -3.62
CA SER B 156 5.29 -3.84 -5.03
C SER B 156 6.65 -3.86 -5.71
N ARG B 157 6.63 -4.12 -7.02
CA ARG B 157 7.85 -4.12 -7.80
C ARG B 157 8.15 -2.68 -8.20
N SER B 158 7.17 -1.80 -8.00
CA SER B 158 7.33 -0.38 -8.29
C SER B 158 8.05 0.24 -7.10
N VAL B 159 8.75 1.35 -7.34
CA VAL B 159 9.46 2.02 -6.26
C VAL B 159 8.55 2.76 -5.27
N ILE B 160 8.46 2.23 -4.07
CA ILE B 160 7.66 2.85 -3.02
C ILE B 160 8.48 2.88 -1.73
N PRO B 161 8.42 3.98 -0.98
CA PRO B 161 7.64 5.19 -1.29
C PRO B 161 8.29 6.03 -2.38
N TYR B 162 7.47 6.76 -3.13
CA TYR B 162 7.99 7.64 -4.18
C TYR B 162 8.68 8.82 -3.49
N ASP B 163 9.91 9.13 -3.89
CA ASP B 163 10.63 10.27 -3.33
C ASP B 163 10.40 11.40 -4.34
N ARG B 164 9.42 12.25 -4.07
CA ARG B 164 9.08 13.32 -5.01
C ARG B 164 10.19 14.33 -5.30
N ASP B 165 10.85 14.83 -4.26
CA ASP B 165 11.91 15.81 -4.45
C ASP B 165 13.12 15.26 -5.21
N GLN B 166 13.55 14.05 -4.88
CA GLN B 166 14.70 13.46 -5.55
C GLN B 166 14.42 12.68 -6.83
N PHE B 167 13.25 12.06 -6.91
CA PHE B 167 12.93 11.29 -8.11
C PHE B 167 12.32 12.15 -9.19
N MET B 168 12.43 13.46 -9.04
CA MET B 168 11.89 14.38 -10.03
C MET B 168 12.67 14.32 -11.34
N ASN B 169 13.95 14.68 -11.28
CA ASN B 169 14.79 14.69 -12.46
C ASN B 169 16.26 14.50 -12.10
N LYS B 175 22.14 9.22 -10.16
CA LYS B 175 22.91 9.45 -8.94
C LYS B 175 22.00 9.89 -7.80
N VAL B 176 21.17 8.97 -7.32
CA VAL B 176 20.23 9.27 -6.24
C VAL B 176 20.76 8.75 -4.90
N GLN B 177 20.69 9.60 -3.87
CA GLN B 177 21.14 9.23 -2.54
C GLN B 177 19.92 8.86 -1.69
N LEU B 178 19.32 7.72 -2.01
CA LEU B 178 18.13 7.24 -1.32
C LEU B 178 18.22 7.32 0.19
N SER B 179 17.08 7.56 0.84
CA SER B 179 17.01 7.66 2.29
C SER B 179 16.80 6.27 2.90
N ASP B 180 16.83 6.20 4.22
CA ASP B 180 16.64 4.94 4.92
C ASP B 180 15.18 4.59 5.12
N ALA B 181 14.41 4.62 4.03
CA ALA B 181 13.00 4.31 4.10
C ALA B 181 12.65 3.16 3.19
N TYR B 182 13.60 2.75 2.34
CA TYR B 182 13.34 1.67 1.41
C TYR B 182 13.67 0.31 1.98
N LEU B 183 12.74 -0.62 1.79
CA LEU B 183 12.88 -1.98 2.28
C LEU B 183 12.64 -3.00 1.18
N ARG B 184 13.50 -4.01 1.12
CA ARG B 184 13.37 -5.08 0.14
C ARG B 184 12.79 -6.28 0.86
N HIS B 185 11.68 -6.81 0.36
CA HIS B 185 11.04 -7.95 0.97
C HIS B 185 11.83 -9.25 0.80
N ILE B 186 11.95 -9.99 1.89
CA ILE B 186 12.66 -11.28 1.91
C ILE B 186 11.63 -12.39 1.91
N GLY B 187 11.76 -13.34 0.99
CA GLY B 187 10.81 -14.43 0.87
C GLY B 187 10.78 -15.49 1.96
N ILE B 188 10.89 -15.06 3.22
CA ILE B 188 10.85 -15.99 4.35
C ILE B 188 9.53 -15.72 5.07
N TYR B 189 8.78 -16.78 5.40
CA TYR B 189 7.49 -16.60 6.05
C TYR B 189 7.20 -17.50 7.24
N ALA B 190 6.36 -17.00 8.13
CA ALA B 190 5.89 -17.76 9.28
C ALA B 190 4.37 -17.66 9.15
N TYR B 191 3.68 -18.79 9.36
CA TYR B 191 2.23 -18.84 9.27
C TYR B 191 1.69 -19.75 10.34
N ARG B 192 0.42 -19.56 10.68
CA ARG B 192 -0.25 -20.46 11.60
C ARG B 192 -0.69 -21.52 10.59
N ALA B 193 -0.50 -22.79 10.89
CA ALA B 193 -0.86 -23.85 9.95
C ALA B 193 -2.27 -23.73 9.38
N GLY B 194 -3.25 -23.48 10.24
CA GLY B 194 -4.63 -23.36 9.78
C GLY B 194 -4.82 -22.26 8.77
N PHE B 195 -4.06 -21.18 8.92
CA PHE B 195 -4.16 -20.05 8.01
C PHE B 195 -3.68 -20.35 6.59
N ILE B 196 -2.67 -21.21 6.47
CA ILE B 196 -2.14 -21.56 5.16
C ILE B 196 -3.29 -22.11 4.32
N LYS B 197 -4.16 -22.87 4.97
CA LYS B 197 -5.30 -23.48 4.30
C LYS B 197 -6.23 -22.38 3.76
N GLN B 198 -6.51 -21.38 4.59
CA GLN B 198 -7.37 -20.27 4.19
C GLN B 198 -6.73 -19.47 3.05
N TYR B 199 -5.43 -19.26 3.18
CA TYR B 199 -4.65 -18.52 2.19
C TYR B 199 -4.82 -19.16 0.81
N VAL B 200 -4.51 -20.44 0.71
CA VAL B 200 -4.62 -21.16 -0.55
C VAL B 200 -6.07 -21.31 -1.06
N GLN B 201 -7.04 -21.17 -0.15
CA GLN B 201 -8.44 -21.29 -0.54
C GLN B 201 -8.99 -20.03 -1.19
N TRP B 202 -8.48 -18.87 -0.79
CA TRP B 202 -8.93 -17.61 -1.39
C TRP B 202 -8.65 -17.65 -2.88
N ALA B 203 -9.61 -17.21 -3.67
CA ALA B 203 -9.46 -17.19 -5.12
C ALA B 203 -8.37 -16.21 -5.56
N PRO B 204 -7.63 -16.56 -6.62
CA PRO B 204 -6.57 -15.66 -7.08
C PRO B 204 -7.15 -14.27 -7.31
N THR B 205 -6.35 -13.24 -7.01
CA THR B 205 -6.82 -11.87 -7.16
C THR B 205 -6.16 -11.13 -8.31
N GLN B 206 -6.87 -10.13 -8.84
CA GLN B 206 -6.35 -9.34 -9.94
C GLN B 206 -5.05 -8.65 -9.56
N LEU B 207 -4.96 -8.25 -8.31
CA LEU B 207 -3.78 -7.56 -7.79
C LEU B 207 -2.53 -8.43 -7.83
N GLU B 208 -2.64 -9.66 -7.35
CA GLU B 208 -1.51 -10.57 -7.33
C GLU B 208 -1.11 -10.98 -8.75
N ASN B 209 -2.10 -11.06 -9.63
CA ASN B 209 -1.83 -11.45 -11.02
C ASN B 209 -1.11 -10.38 -11.81
N LEU B 210 -1.33 -9.11 -11.47
CA LEU B 210 -0.66 -8.02 -12.18
C LEU B 210 0.79 -7.90 -11.71
N GLU B 211 0.99 -7.82 -10.40
CA GLU B 211 2.32 -7.70 -9.83
C GLU B 211 3.07 -9.04 -9.77
N LYS B 212 2.32 -10.13 -9.91
CA LYS B 212 2.89 -11.48 -9.84
C LYS B 212 3.47 -11.66 -8.43
N LEU B 213 2.68 -11.28 -7.44
CA LEU B 213 3.05 -11.40 -6.04
C LEU B 213 1.89 -12.04 -5.31
N GLU B 214 2.07 -13.32 -4.98
CA GLU B 214 1.04 -14.08 -4.30
C GLU B 214 0.59 -13.49 -2.97
N GLN B 215 1.53 -12.89 -2.23
CA GLN B 215 1.18 -12.32 -0.93
C GLN B 215 0.13 -11.21 -0.98
N LEU B 216 -0.08 -10.62 -2.15
CA LEU B 216 -1.09 -9.57 -2.25
C LEU B 216 -2.49 -10.14 -2.08
N ARG B 217 -2.64 -11.45 -2.27
CA ARG B 217 -3.95 -12.08 -2.09
C ARG B 217 -4.36 -11.92 -0.63
N VAL B 218 -3.39 -11.97 0.27
CA VAL B 218 -3.64 -11.82 1.70
C VAL B 218 -4.07 -10.39 2.06
N LEU B 219 -3.35 -9.40 1.54
CA LEU B 219 -3.69 -8.01 1.82
C LEU B 219 -5.06 -7.67 1.23
N TYR B 220 -5.34 -8.21 0.05
CA TYR B 220 -6.62 -7.94 -0.60
C TYR B 220 -7.78 -8.48 0.22
N ASN B 221 -7.55 -9.58 0.94
CA ASN B 221 -8.60 -10.18 1.75
C ASN B 221 -8.70 -9.58 3.15
N GLY B 222 -7.96 -8.50 3.37
CA GLY B 222 -8.02 -7.81 4.65
C GLY B 222 -7.29 -8.43 5.84
N GLU B 223 -6.36 -9.34 5.56
CA GLU B 223 -5.60 -10.01 6.61
C GLU B 223 -4.28 -9.28 6.87
N ARG B 224 -3.95 -9.06 8.13
CA ARG B 224 -2.71 -8.35 8.48
C ARG B 224 -1.48 -9.21 8.32
N ILE B 225 -0.39 -8.58 7.87
CA ILE B 225 0.90 -9.24 7.70
C ILE B 225 1.92 -8.36 8.39
N HIS B 226 2.75 -8.96 9.24
CA HIS B 226 3.77 -8.18 9.91
C HIS B 226 5.12 -8.38 9.25
N VAL B 227 5.83 -7.27 9.04
CA VAL B 227 7.15 -7.32 8.42
C VAL B 227 8.11 -6.51 9.28
N GLU B 228 9.25 -7.12 9.58
CA GLU B 228 10.27 -6.51 10.41
C GLU B 228 11.63 -6.65 9.74
N LEU B 229 12.53 -5.73 10.06
CA LEU B 229 13.89 -5.76 9.51
C LEU B 229 14.53 -7.06 10.00
N ALA B 230 15.12 -7.83 9.10
CA ALA B 230 15.77 -9.08 9.47
C ALA B 230 16.96 -8.77 10.38
N LYS B 231 17.20 -9.64 11.36
CA LYS B 231 18.32 -9.44 12.29
C LYS B 231 19.65 -9.57 11.56
N GLU B 232 19.64 -10.28 10.43
CA GLU B 232 20.82 -10.49 9.59
C GLU B 232 20.38 -10.56 8.14
N VAL B 233 21.20 -10.03 7.24
CA VAL B 233 20.88 -10.06 5.82
C VAL B 233 21.21 -11.45 5.28
N PRO B 234 20.21 -12.18 4.78
CA PRO B 234 20.50 -13.51 4.25
C PRO B 234 21.15 -13.46 2.88
N ALA B 235 22.00 -14.44 2.59
CA ALA B 235 22.66 -14.49 1.30
C ALA B 235 21.59 -14.81 0.26
N VAL B 236 21.89 -14.47 -1.00
CA VAL B 236 20.97 -14.73 -2.09
C VAL B 236 20.92 -16.23 -2.37
N GLY B 237 19.76 -16.73 -2.79
CA GLY B 237 19.64 -18.15 -3.08
C GLY B 237 20.62 -18.58 -4.16
N VAL B 238 21.00 -19.86 -4.15
CA VAL B 238 21.92 -20.43 -5.12
C VAL B 238 21.14 -20.78 -6.39
N ASP B 239 21.66 -20.38 -7.54
CA ASP B 239 20.98 -20.68 -8.79
C ASP B 239 21.92 -21.00 -9.95
N THR B 240 23.22 -20.76 -9.75
CA THR B 240 24.20 -21.02 -10.80
C THR B 240 25.44 -21.73 -10.25
N ALA B 241 26.23 -22.31 -11.15
CA ALA B 241 27.45 -22.98 -10.73
C ALA B 241 28.36 -21.96 -10.05
N GLU B 242 28.33 -20.73 -10.53
CA GLU B 242 29.14 -19.67 -9.93
C GLU B 242 28.74 -19.47 -8.48
N ASP B 243 27.44 -19.48 -8.21
CA ASP B 243 26.94 -19.30 -6.84
C ASP B 243 27.39 -20.43 -5.92
N LEU B 244 27.48 -21.64 -6.46
CA LEU B 244 27.91 -22.80 -5.69
C LEU B 244 29.34 -22.64 -5.23
N GLU B 245 30.19 -22.17 -6.14
CA GLU B 245 31.60 -21.98 -5.80
C GLU B 245 31.76 -20.91 -4.73
N LYS B 246 30.91 -19.90 -4.77
CA LYS B 246 30.96 -18.82 -3.78
C LYS B 246 30.64 -19.37 -2.40
N VAL B 247 29.59 -20.19 -2.32
CA VAL B 247 29.20 -20.79 -1.06
C VAL B 247 30.27 -21.74 -0.56
N ARG B 248 30.78 -22.59 -1.46
CA ARG B 248 31.82 -23.52 -1.10
C ARG B 248 33.01 -22.75 -0.52
N ALA B 249 33.37 -21.66 -1.19
CA ALA B 249 34.49 -20.82 -0.77
C ALA B 249 34.22 -20.20 0.59
N ILE B 250 32.98 -19.75 0.81
CA ILE B 250 32.61 -19.15 2.09
C ILE B 250 32.72 -20.17 3.21
N LEU B 251 32.22 -21.39 2.99
CA LEU B 251 32.28 -22.42 4.01
C LEU B 251 33.72 -22.83 4.30
N ALA B 252 34.56 -22.75 3.28
CA ALA B 252 35.96 -23.12 3.44
C ALA B 252 36.75 -21.98 4.08
N ALA B 253 36.30 -20.75 3.87
CA ALA B 253 36.97 -19.57 4.43
C ALA B 253 37.05 -19.64 5.95
N ASN B 254 36.31 -20.57 6.54
CA ASN B 254 36.31 -20.74 7.99
C ASN B 254 35.55 -22.00 8.38
#